data_5MTS
#
_entry.id   5MTS
#
_cell.length_a   90.277
_cell.length_b   90.277
_cell.length_c   97.765
_cell.angle_alpha   90.00
_cell.angle_beta   90.00
_cell.angle_gamma   90.00
#
_symmetry.space_group_name_H-M   'P 43 21 2'
#
loop_
_entity.id
_entity.type
_entity.pdbx_description
1 polymer 'Protein FimH'
2 non-polymer [2-[[(2~{S},3~{S},4~{S},5~{S},6~{R})-6-(hydroxymethyl)-3,4,5-tris(oxidanyl)oxan-2-yl]amino]-1,3-thiazol-5-yl]-(4-methyl-2-pyrazin-2-yl-1,3-thiazol-5-yl)methanone
3 non-polymer 'NICKEL (II) ION'
4 water water
#
_entity_poly.entity_id   1
_entity_poly.type   'polypeptide(L)'
_entity_poly.pdbx_seq_one_letter_code
;MKRVITLFAVLLMGWSVNAWSFACKTANGTAIPIGGGSANVYVNLAPVVNVGQNLVVDLSTQIFCHNDYPETITDYVTLQ
RGSAYGGVLSNFSGTVKYSGSSYPFPTTSETPRVVYNSRTDKPWPVALYLTPVSSAGGVAIKAGSLIAVLILRQTNNYNS
DDFQFVWNIYANNDVVVPTGGCDVSARDVTVTLPDYPGSVPIPLTVYCAKSQNLGYYLSGTTADAGNSIFTNTASFSPAQ
GVGVQLTRNGTIIPANNTVSLGAVGTSAVSLGLTANYARTGGQVTAGNVQSIIGVTFVYQ
;
_entity_poly.pdbx_strand_id   A,B
#
# COMPACT_ATOMS: atom_id res chain seq x y z
N PHE A 22 -19.44 -1.56 -25.78
CA PHE A 22 -18.32 -2.02 -24.96
C PHE A 22 -18.77 -2.87 -23.76
N ALA A 23 -18.24 -4.09 -23.68
CA ALA A 23 -18.53 -4.99 -22.58
C ALA A 23 -17.30 -5.84 -22.30
N CYS A 24 -17.37 -6.66 -21.25
CA CYS A 24 -16.23 -7.46 -20.81
CA CYS A 24 -16.23 -7.47 -20.84
C CYS A 24 -16.70 -8.81 -20.33
N LYS A 25 -15.80 -9.78 -20.39
CA LYS A 25 -16.07 -11.14 -19.99
C LYS A 25 -14.82 -11.74 -19.36
N THR A 26 -15.04 -12.65 -18.43
CA THR A 26 -13.96 -13.45 -17.89
C THR A 26 -13.68 -14.65 -18.79
N ALA A 27 -12.53 -15.28 -18.55
CA ALA A 27 -12.13 -16.45 -19.32
C ALA A 27 -13.21 -17.52 -19.35
N ASN A 28 -13.71 -17.91 -18.17
CA ASN A 28 -14.70 -18.96 -18.09
C ASN A 28 -16.13 -18.48 -18.36
N GLY A 29 -16.31 -17.20 -18.71
CA GLY A 29 -17.56 -16.75 -19.27
C GLY A 29 -18.47 -15.88 -18.41
N THR A 30 -18.02 -15.43 -17.25
CA THR A 30 -18.76 -14.38 -16.55
C THR A 30 -18.76 -13.13 -17.41
N ALA A 31 -19.86 -12.39 -17.44
CA ALA A 31 -19.96 -11.27 -18.37
C ALA A 31 -20.52 -10.03 -17.69
N ILE A 32 -19.85 -8.91 -17.84
CA ILE A 32 -20.36 -7.60 -17.42
C ILE A 32 -20.88 -6.91 -18.67
N PRO A 33 -22.14 -6.50 -18.72
CA PRO A 33 -22.75 -6.05 -19.97
C PRO A 33 -22.34 -4.62 -20.32
N ILE A 34 -22.83 -4.17 -21.47
CA ILE A 34 -22.75 -2.76 -21.86
C ILE A 34 -23.32 -1.90 -20.75
N GLY A 35 -22.56 -0.89 -20.33
CA GLY A 35 -22.96 0.02 -19.29
C GLY A 35 -22.27 -0.19 -17.96
N GLY A 36 -21.58 -1.31 -17.78
CA GLY A 36 -20.91 -1.59 -16.52
C GLY A 36 -21.72 -2.47 -15.59
N GLY A 37 -21.12 -2.77 -14.46
CA GLY A 37 -21.65 -3.74 -13.52
C GLY A 37 -20.50 -4.40 -12.78
N SER A 38 -20.79 -5.57 -12.20
CA SER A 38 -19.77 -6.25 -11.42
C SER A 38 -19.74 -7.74 -11.76
N ALA A 39 -18.64 -8.37 -11.36
CA ALA A 39 -18.44 -9.79 -11.60
C ALA A 39 -17.45 -10.29 -10.57
N ASN A 40 -17.52 -11.59 -10.32
CA ASN A 40 -16.50 -12.32 -9.57
C ASN A 40 -15.58 -13.03 -10.54
N VAL A 41 -14.30 -13.06 -10.19
CA VAL A 41 -13.26 -13.65 -11.01
C VAL A 41 -12.40 -14.48 -10.10
N TYR A 42 -12.39 -15.79 -10.30
CA TYR A 42 -11.66 -16.71 -9.43
C TYR A 42 -10.35 -17.08 -10.11
N VAL A 43 -9.25 -17.01 -9.35
CA VAL A 43 -7.91 -17.12 -9.90
C VAL A 43 -7.12 -18.17 -9.14
N ASN A 44 -6.24 -18.87 -9.86
CA ASN A 44 -5.30 -19.80 -9.26
C ASN A 44 -3.99 -19.09 -8.91
N LEU A 45 -3.45 -19.41 -7.73
CA LEU A 45 -2.23 -18.79 -7.24
C LEU A 45 -1.16 -19.83 -6.97
N ALA A 46 0.09 -19.45 -7.19
CA ALA A 46 1.21 -20.28 -6.76
C ALA A 46 1.01 -20.69 -5.31
N PRO A 47 1.25 -21.96 -4.96
CA PRO A 47 0.98 -22.39 -3.57
C PRO A 47 2.01 -21.89 -2.56
N VAL A 48 3.21 -21.52 -2.97
CA VAL A 48 4.21 -21.04 -2.03
C VAL A 48 4.91 -19.80 -2.59
N VAL A 49 4.99 -18.75 -1.76
CA VAL A 49 5.78 -17.56 -2.07
C VAL A 49 6.69 -17.28 -0.89
N ASN A 50 7.98 -17.10 -1.17
CA ASN A 50 8.94 -16.83 -0.12
C ASN A 50 9.16 -15.33 0.06
N VAL A 51 9.30 -14.91 1.32
CA VAL A 51 9.59 -13.53 1.66
C VAL A 51 10.80 -13.05 0.86
N GLY A 52 10.57 -12.12 -0.06
CA GLY A 52 11.58 -11.69 -1.01
C GLY A 52 11.28 -12.10 -2.44
N GLN A 53 10.23 -12.89 -2.65
CA GLN A 53 9.81 -13.39 -3.95
C GLN A 53 8.40 -12.91 -4.29
N ASN A 54 8.04 -13.07 -5.55
CA ASN A 54 6.81 -12.48 -6.07
C ASN A 54 5.68 -13.49 -6.18
N LEU A 55 4.49 -13.07 -5.77
CA LEU A 55 3.24 -13.74 -6.09
C LEU A 55 2.55 -12.92 -7.20
N VAL A 56 2.52 -13.45 -8.44
CA VAL A 56 1.93 -12.74 -9.57
C VAL A 56 0.46 -13.13 -9.77
N VAL A 57 -0.37 -12.13 -10.04
CA VAL A 57 -1.78 -12.29 -10.40
C VAL A 57 -1.96 -11.62 -11.75
N ASP A 58 -1.94 -12.40 -12.83
CA ASP A 58 -2.02 -11.85 -14.19
C ASP A 58 -3.46 -11.95 -14.69
N LEU A 59 -4.26 -10.94 -14.40
CA LEU A 59 -5.64 -10.89 -14.85
C LEU A 59 -5.77 -10.74 -16.37
N SER A 60 -4.69 -10.45 -17.10
CA SER A 60 -4.82 -10.34 -18.54
C SER A 60 -5.05 -11.70 -19.20
N THR A 61 -4.98 -12.79 -18.45
CA THR A 61 -5.39 -14.08 -18.96
C THR A 61 -6.84 -14.40 -18.62
N GLN A 62 -7.55 -13.50 -17.94
CA GLN A 62 -8.87 -13.82 -17.42
C GLN A 62 -9.92 -12.75 -17.66
N ILE A 63 -9.55 -11.53 -18.06
CA ILE A 63 -10.52 -10.46 -18.24
C ILE A 63 -10.30 -9.88 -19.63
N PHE A 64 -11.36 -9.80 -20.42
CA PHE A 64 -11.28 -9.45 -21.83
C PHE A 64 -12.40 -8.49 -22.17
N CYS A 65 -12.11 -7.51 -23.04
CA CYS A 65 -13.05 -6.45 -23.40
CA CYS A 65 -13.11 -6.53 -23.42
C CYS A 65 -13.00 -6.25 -24.91
N HIS A 66 -13.95 -5.47 -25.43
CA HIS A 66 -13.97 -5.19 -26.85
C HIS A 66 -14.82 -3.95 -27.15
N ASN A 67 -14.39 -3.21 -28.17
CA ASN A 67 -15.18 -2.13 -28.73
C ASN A 67 -16.35 -2.71 -29.52
N ASP A 68 -17.54 -2.15 -29.33
CA ASP A 68 -18.76 -2.69 -29.94
C ASP A 68 -19.17 -1.95 -31.20
N TYR A 69 -18.43 -0.92 -31.61
CA TYR A 69 -18.66 -0.25 -32.88
C TYR A 69 -17.43 0.57 -33.25
N PRO A 70 -16.27 -0.06 -33.45
CA PRO A 70 -15.06 0.73 -33.74
C PRO A 70 -15.14 1.54 -35.02
N GLU A 71 -16.12 1.28 -35.90
CA GLU A 71 -16.24 2.04 -37.13
C GLU A 71 -16.23 3.53 -36.85
N THR A 72 -16.92 3.93 -35.81
CA THR A 72 -17.07 5.32 -35.44
C THR A 72 -16.39 5.64 -34.11
N ILE A 73 -16.41 4.69 -33.18
CA ILE A 73 -16.11 4.93 -31.79
C ILE A 73 -14.77 4.31 -31.42
N THR A 74 -14.07 4.97 -30.52
CA THR A 74 -12.86 4.47 -29.90
C THR A 74 -13.03 4.49 -28.38
N ASP A 75 -12.79 3.34 -27.74
CA ASP A 75 -13.02 3.20 -26.30
C ASP A 75 -11.72 3.35 -25.52
N TYR A 76 -11.78 4.09 -24.42
CA TYR A 76 -10.65 4.33 -23.53
C TYR A 76 -10.88 3.65 -22.18
N VAL A 77 -9.88 2.92 -21.71
CA VAL A 77 -10.02 2.08 -20.51
C VAL A 77 -8.88 2.37 -19.54
N THR A 78 -9.24 2.82 -18.34
CA THR A 78 -8.29 3.00 -17.25
C THR A 78 -8.57 1.99 -16.15
N LEU A 79 -7.56 1.76 -15.32
CA LEU A 79 -7.79 1.17 -14.00
C LEU A 79 -8.03 2.34 -13.06
N GLN A 80 -9.31 2.58 -12.73
CA GLN A 80 -9.65 3.74 -11.90
C GLN A 80 -9.10 3.60 -10.49
N ARG A 81 -9.07 2.38 -9.98
CA ARG A 81 -8.93 2.14 -8.55
C ARG A 81 -8.71 0.66 -8.32
N GLY A 82 -7.77 0.32 -7.45
CA GLY A 82 -7.58 -1.05 -7.02
C GLY A 82 -7.36 -1.10 -5.53
N SER A 83 -7.93 -2.13 -4.90
CA SER A 83 -7.92 -2.24 -3.45
C SER A 83 -7.68 -3.69 -3.05
N ALA A 84 -7.03 -3.87 -1.91
CA ALA A 84 -6.65 -5.19 -1.43
C ALA A 84 -7.53 -5.59 -0.25
N TYR A 85 -7.81 -6.89 -0.14
CA TYR A 85 -8.71 -7.39 0.88
C TYR A 85 -8.13 -8.63 1.53
N GLY A 86 -8.64 -8.94 2.72
CA GLY A 86 -8.26 -10.14 3.45
C GLY A 86 -6.77 -10.38 3.55
N GLY A 87 -6.35 -11.50 2.97
CA GLY A 87 -4.97 -11.92 3.13
C GLY A 87 -3.98 -10.97 2.49
N VAL A 88 -4.17 -10.64 1.21
CA VAL A 88 -3.20 -9.76 0.54
C VAL A 88 -3.13 -8.40 1.23
N LEU A 89 -4.24 -7.94 1.84
CA LEU A 89 -4.25 -6.64 2.50
C LEU A 89 -3.30 -6.57 3.69
N SER A 90 -2.90 -7.70 4.25
CA SER A 90 -2.19 -7.66 5.53
C SER A 90 -0.83 -8.32 5.54
N ASN A 91 -0.54 -9.27 4.65
CA ASN A 91 0.76 -9.95 4.65
C ASN A 91 1.57 -9.63 3.41
N PHE A 92 1.10 -8.68 2.58
CA PHE A 92 1.70 -8.42 1.29
C PHE A 92 1.85 -6.93 1.03
N SER A 93 2.95 -6.55 0.39
CA SER A 93 3.13 -5.29 -0.30
C SER A 93 3.28 -5.56 -1.79
N GLY A 94 3.09 -4.55 -2.61
CA GLY A 94 3.38 -4.74 -4.02
C GLY A 94 2.81 -3.68 -4.92
N THR A 95 2.88 -3.98 -6.21
CA THR A 95 2.55 -3.04 -7.27
C THR A 95 1.56 -3.69 -8.22
N VAL A 96 1.03 -2.90 -9.13
CA VAL A 96 0.17 -3.37 -10.22
C VAL A 96 0.76 -2.86 -11.53
N LYS A 97 1.15 -3.78 -12.40
CA LYS A 97 1.64 -3.39 -13.72
C LYS A 97 0.44 -3.23 -14.63
N TYR A 98 0.33 -2.04 -15.25
CA TYR A 98 -0.78 -1.72 -16.16
C TYR A 98 -0.17 -1.17 -17.45
N SER A 99 -0.11 -2.02 -18.48
CA SER A 99 0.42 -1.69 -19.81
C SER A 99 1.89 -1.32 -19.79
N GLY A 100 2.75 -2.22 -19.33
CA GLY A 100 4.17 -1.96 -19.31
C GLY A 100 4.68 -1.17 -18.12
N SER A 101 3.83 -0.42 -17.43
CA SER A 101 4.26 0.41 -16.33
C SER A 101 3.63 -0.05 -15.02
N SER A 102 4.39 0.10 -13.94
CA SER A 102 4.00 -0.32 -12.60
C SER A 102 3.57 0.88 -11.76
N TYR A 103 2.80 0.60 -10.72
CA TYR A 103 2.21 1.61 -9.86
C TYR A 103 2.02 0.98 -8.49
N PRO A 104 1.90 1.77 -7.43
CA PRO A 104 1.75 1.16 -6.11
C PRO A 104 0.41 0.48 -5.99
N PHE A 105 0.38 -0.63 -5.26
CA PHE A 105 -0.88 -1.31 -5.00
C PHE A 105 -1.07 -1.57 -3.50
N PRO A 106 -2.27 -1.23 -2.94
CA PRO A 106 -3.46 -0.53 -3.46
C PRO A 106 -3.11 0.76 -4.19
N THR A 107 -3.93 1.09 -5.19
CA THR A 107 -3.60 2.15 -6.11
C THR A 107 -3.78 3.51 -5.46
N THR A 108 -3.00 4.47 -5.93
CA THR A 108 -3.09 5.85 -5.46
C THR A 108 -3.66 6.80 -6.52
N SER A 109 -3.99 6.30 -7.70
CA SER A 109 -4.33 7.20 -8.80
C SER A 109 -4.86 6.40 -9.97
N GLU A 110 -5.77 7.01 -10.73
CA GLU A 110 -6.23 6.43 -11.97
C GLU A 110 -5.08 6.30 -12.97
N THR A 111 -4.98 5.14 -13.62
CA THR A 111 -3.88 4.85 -14.55
C THR A 111 -4.12 5.52 -15.90
N PRO A 112 -3.12 5.51 -16.79
CA PRO A 112 -3.34 6.00 -18.16
C PRO A 112 -4.34 5.15 -18.93
N ARG A 113 -4.86 5.73 -20.01
CA ARG A 113 -5.86 5.08 -20.84
C ARG A 113 -5.22 4.00 -21.71
N VAL A 114 -5.98 2.94 -21.95
CA VAL A 114 -5.66 1.93 -22.95
C VAL A 114 -6.77 1.98 -24.00
N VAL A 115 -6.38 1.93 -25.27
CA VAL A 115 -7.32 2.11 -26.37
C VAL A 115 -7.85 0.75 -26.79
N TYR A 116 -9.16 0.59 -26.75
CA TYR A 116 -9.78 -0.64 -27.21
C TYR A 116 -10.27 -0.41 -28.64
N ASN A 117 -9.56 -1.05 -29.57
CA ASN A 117 -9.57 -0.78 -31.00
C ASN A 117 -10.72 -1.45 -31.72
N SER A 118 -11.00 -2.70 -31.37
CA SER A 118 -11.64 -3.65 -32.26
C SER A 118 -12.85 -4.30 -31.62
N ARG A 119 -13.56 -5.07 -32.44
CA ARG A 119 -14.60 -5.94 -31.95
C ARG A 119 -14.04 -7.25 -31.43
N THR A 120 -12.72 -7.43 -31.54
CA THR A 120 -12.05 -8.65 -31.12
C THR A 120 -11.72 -8.57 -29.63
N ASP A 121 -11.92 -9.67 -28.93
CA ASP A 121 -11.70 -9.67 -27.49
C ASP A 121 -10.22 -9.45 -27.18
N LYS A 122 -9.94 -8.46 -26.33
CA LYS A 122 -8.59 -8.00 -26.08
C LYS A 122 -8.30 -8.01 -24.58
N PRO A 123 -7.17 -8.54 -24.16
CA PRO A 123 -6.90 -8.67 -22.72
C PRO A 123 -6.87 -7.30 -22.03
N TRP A 124 -7.47 -7.25 -20.85
CA TRP A 124 -7.26 -6.18 -19.91
C TRP A 124 -5.90 -6.39 -19.26
N PRO A 125 -4.97 -5.61 -19.56
CA PRO A 125 -3.58 -5.94 -19.23
C PRO A 125 -3.15 -5.47 -17.83
N VAL A 126 -3.88 -5.92 -16.81
CA VAL A 126 -3.54 -5.61 -15.43
C VAL A 126 -3.06 -6.88 -14.75
N ALA A 127 -1.90 -6.77 -14.10
CA ALA A 127 -1.29 -7.86 -13.34
C ALA A 127 -0.79 -7.30 -12.02
N LEU A 128 -1.04 -8.02 -10.92
CA LEU A 128 -0.56 -7.65 -9.60
C LEU A 128 0.70 -8.41 -9.23
N TYR A 129 1.66 -7.69 -8.63
CA TYR A 129 2.89 -8.27 -8.12
C TYR A 129 2.95 -8.02 -6.61
N LEU A 130 2.77 -9.08 -5.83
CA LEU A 130 2.63 -8.97 -4.39
C LEU A 130 3.77 -9.73 -3.73
N THR A 131 4.46 -9.06 -2.78
CA THR A 131 5.53 -9.67 -1.99
C THR A 131 5.10 -9.79 -0.54
N PRO A 132 5.43 -10.89 0.14
CA PRO A 132 5.00 -11.03 1.54
C PRO A 132 5.92 -10.27 2.49
N VAL A 133 5.32 -9.64 3.51
CA VAL A 133 6.09 -9.04 4.58
C VAL A 133 6.72 -10.14 5.41
N SER A 134 7.82 -9.80 6.10
CA SER A 134 8.56 -10.81 6.85
C SER A 134 7.74 -11.41 7.99
N SER A 135 6.72 -10.70 8.47
CA SER A 135 5.85 -11.24 9.49
C SER A 135 4.75 -12.14 8.92
N ALA A 136 4.87 -12.53 7.65
CA ALA A 136 3.84 -13.36 6.99
C ALA A 136 4.12 -14.81 7.34
N GLY A 137 3.39 -15.32 8.31
CA GLY A 137 3.53 -16.71 8.72
C GLY A 137 2.19 -17.41 8.78
N GLY A 138 2.17 -18.64 8.26
CA GLY A 138 0.97 -19.47 8.26
C GLY A 138 0.39 -19.61 6.87
N VAL A 139 -0.91 -19.45 6.73
CA VAL A 139 -1.51 -19.27 5.41
C VAL A 139 -1.77 -17.77 5.23
N ALA A 140 -1.08 -17.16 4.26
CA ALA A 140 -1.22 -15.73 4.05
C ALA A 140 -2.54 -15.38 3.37
N ILE A 141 -3.07 -16.27 2.54
CA ILE A 141 -4.31 -16.02 1.81
C ILE A 141 -5.21 -17.25 1.94
N LYS A 142 -6.39 -17.08 2.55
CA LYS A 142 -7.32 -18.20 2.64
C LYS A 142 -8.00 -18.45 1.29
N ALA A 143 -8.15 -19.72 0.94
CA ALA A 143 -8.82 -20.08 -0.32
C ALA A 143 -10.28 -19.68 -0.28
N GLY A 144 -10.80 -19.20 -1.41
CA GLY A 144 -12.15 -18.68 -1.50
C GLY A 144 -12.37 -17.32 -0.89
N SER A 145 -11.31 -16.63 -0.45
CA SER A 145 -11.44 -15.29 0.08
C SER A 145 -11.24 -14.25 -1.00
N LEU A 146 -11.87 -13.09 -0.81
CA LEU A 146 -11.64 -11.95 -1.68
C LEU A 146 -10.25 -11.37 -1.44
N ILE A 147 -9.45 -11.25 -2.49
CA ILE A 147 -8.13 -10.66 -2.38
C ILE A 147 -8.07 -9.26 -2.97
N ALA A 148 -8.81 -8.97 -4.03
CA ALA A 148 -8.71 -7.66 -4.66
C ALA A 148 -10.05 -7.27 -5.26
N VAL A 149 -10.28 -5.97 -5.29
CA VAL A 149 -11.31 -5.37 -6.13
C VAL A 149 -10.59 -4.39 -7.03
N LEU A 150 -10.91 -4.42 -8.33
CA LEU A 150 -10.29 -3.56 -9.33
C LEU A 150 -11.40 -2.93 -10.14
N ILE A 151 -11.40 -1.62 -10.27
CA ILE A 151 -12.48 -0.92 -10.98
C ILE A 151 -11.98 -0.51 -12.35
N LEU A 152 -12.49 -1.17 -13.38
CA LEU A 152 -12.24 -0.83 -14.77
C LEU A 152 -13.14 0.31 -15.15
N ARG A 153 -12.58 1.42 -15.63
CA ARG A 153 -13.42 2.54 -16.01
C ARG A 153 -13.25 2.84 -17.49
N GLN A 154 -14.37 2.73 -18.22
CA GLN A 154 -14.41 2.88 -19.67
C GLN A 154 -15.15 4.17 -20.03
N THR A 155 -14.44 5.05 -20.74
CA THR A 155 -14.99 6.21 -21.42
C THR A 155 -14.80 5.99 -22.91
N ASN A 156 -14.98 7.05 -23.71
CA ASN A 156 -14.68 6.90 -25.13
C ASN A 156 -14.36 8.26 -25.74
N ASN A 157 -14.42 8.34 -27.07
CA ASN A 157 -14.11 9.53 -27.84
C ASN A 157 -15.36 10.06 -28.55
N TYR A 158 -16.54 9.60 -28.14
CA TYR A 158 -17.74 9.75 -28.96
C TYR A 158 -18.89 10.40 -28.19
N ASN A 159 -19.25 9.85 -27.03
CA ASN A 159 -20.29 10.48 -26.23
C ASN A 159 -19.84 10.65 -24.79
N SER A 160 -20.78 10.90 -23.88
CA SER A 160 -20.46 11.24 -22.49
C SER A 160 -20.35 10.02 -21.59
N ASP A 161 -20.46 8.82 -22.14
CA ASP A 161 -20.47 7.60 -21.34
C ASP A 161 -19.24 7.52 -20.44
N ASP A 162 -19.47 7.05 -19.21
CA ASP A 162 -18.44 6.85 -18.20
C ASP A 162 -18.99 5.70 -17.36
N PHE A 163 -18.40 4.51 -17.50
CA PHE A 163 -18.92 3.33 -16.83
C PHE A 163 -17.81 2.63 -16.08
N GLN A 164 -18.15 2.15 -14.89
CA GLN A 164 -17.28 1.33 -14.09
C GLN A 164 -17.63 -0.13 -14.23
N PHE A 165 -16.59 -0.95 -14.42
CA PHE A 165 -16.70 -2.39 -14.54
C PHE A 165 -15.93 -2.94 -13.35
N VAL A 166 -16.67 -3.38 -12.32
CA VAL A 166 -16.09 -3.71 -11.03
C VAL A 166 -15.80 -5.20 -10.93
N TRP A 167 -14.54 -5.56 -10.81
CA TRP A 167 -14.13 -6.97 -10.75
C TRP A 167 -13.72 -7.32 -9.33
N ASN A 168 -14.37 -8.34 -8.78
CA ASN A 168 -14.05 -8.85 -7.44
C ASN A 168 -13.19 -10.09 -7.58
N ILE A 169 -11.91 -9.97 -7.23
CA ILE A 169 -10.92 -11.03 -7.43
C ILE A 169 -10.88 -11.95 -6.21
N TYR A 170 -11.12 -13.26 -6.43
CA TYR A 170 -11.18 -14.26 -5.38
C TYR A 170 -10.11 -15.32 -5.60
N ALA A 171 -9.62 -15.91 -4.52
CA ALA A 171 -8.55 -16.89 -4.58
C ALA A 171 -9.13 -18.31 -4.59
N ASN A 172 -8.67 -19.13 -5.55
CA ASN A 172 -9.09 -20.53 -5.61
C ASN A 172 -8.39 -21.36 -4.55
N ASN A 173 -7.08 -21.47 -4.67
CA ASN A 173 -6.29 -22.33 -3.80
C ASN A 173 -5.75 -21.50 -2.63
N ASP A 174 -4.71 -22.01 -1.96
CA ASP A 174 -4.09 -21.38 -0.82
C ASP A 174 -2.62 -21.15 -1.07
N VAL A 175 -2.09 -20.11 -0.45
CA VAL A 175 -0.70 -19.68 -0.58
C VAL A 175 -0.11 -19.65 0.83
N VAL A 176 1.06 -20.25 1.01
CA VAL A 176 1.76 -20.15 2.29
C VAL A 176 3.13 -19.54 2.03
N VAL A 177 3.62 -18.82 3.04
CA VAL A 177 4.94 -18.20 3.04
C VAL A 177 5.77 -18.92 4.09
N PRO A 178 6.75 -19.73 3.70
CA PRO A 178 7.43 -20.58 4.70
C PRO A 178 8.49 -19.80 5.47
N THR A 179 8.42 -19.89 6.80
CA THR A 179 9.47 -19.36 7.66
C THR A 179 10.75 -20.16 7.40
N PHE B 22 3.82 10.11 30.43
CA PHE B 22 4.39 9.61 29.17
C PHE B 22 4.49 10.74 28.18
N ALA B 23 5.68 10.93 27.62
CA ALA B 23 5.92 12.02 26.68
C ALA B 23 6.94 11.56 25.67
N CYS B 24 7.03 12.32 24.59
CA CYS B 24 7.89 12.03 23.44
C CYS B 24 8.53 13.31 22.95
N LYS B 25 9.76 13.19 22.49
CA LYS B 25 10.53 14.29 21.94
C LYS B 25 11.19 13.81 20.66
N THR B 26 11.59 14.76 19.82
CA THR B 26 12.42 14.38 18.68
C THR B 26 13.89 14.58 19.00
N ALA B 27 14.73 13.95 18.18
CA ALA B 27 16.17 14.20 18.24
C ALA B 27 16.45 15.68 18.14
N ASN B 28 15.85 16.33 17.14
CA ASN B 28 15.86 17.78 17.03
C ASN B 28 15.64 18.44 18.38
N GLY B 29 14.58 18.03 19.07
CA GLY B 29 14.32 18.53 20.39
C GLY B 29 12.84 18.61 20.70
N THR B 30 12.04 19.01 19.69
CA THR B 30 10.63 19.33 19.90
C THR B 30 9.88 18.16 20.55
N ALA B 31 8.82 18.50 21.27
CA ALA B 31 8.16 17.52 22.10
C ALA B 31 6.66 17.47 21.82
N ILE B 32 6.06 16.37 22.25
CA ILE B 32 4.62 16.27 22.44
C ILE B 32 4.39 15.90 23.90
N PRO B 33 3.60 16.66 24.64
CA PRO B 33 3.48 16.45 26.08
C PRO B 33 2.49 15.35 26.44
N ILE B 34 2.50 15.00 27.72
CA ILE B 34 1.49 14.19 28.38
C ILE B 34 0.12 14.48 27.77
N GLY B 35 -0.62 13.44 27.40
CA GLY B 35 -1.94 13.61 26.83
C GLY B 35 -2.02 13.58 25.31
N GLY B 36 -0.88 13.44 24.61
CA GLY B 36 -0.91 13.34 23.17
C GLY B 36 -0.75 14.69 22.48
N GLY B 37 -0.92 14.66 21.15
CA GLY B 37 -0.79 15.82 20.30
C GLY B 37 0.08 15.50 19.12
N SER B 38 0.62 16.54 18.48
CA SER B 38 1.29 16.35 17.20
C SER B 38 2.60 17.12 17.13
N ALA B 39 3.42 16.75 16.15
CA ALA B 39 4.74 17.33 15.99
C ALA B 39 5.26 16.99 14.61
N ASN B 40 6.11 17.88 14.09
CA ASN B 40 6.78 17.66 12.82
C ASN B 40 8.12 17.02 13.06
N VAL B 41 8.51 16.14 12.13
CA VAL B 41 9.82 15.53 12.14
C VAL B 41 10.42 15.71 10.76
N TYR B 42 11.64 16.20 10.70
CA TYR B 42 12.33 16.43 9.44
C TYR B 42 13.42 15.38 9.31
N VAL B 43 13.47 14.73 8.16
CA VAL B 43 14.21 13.49 8.01
C VAL B 43 15.14 13.61 6.81
N ASN B 44 16.35 13.07 6.95
CA ASN B 44 17.32 13.02 5.88
C ASN B 44 17.22 11.68 5.15
N LEU B 45 17.10 11.74 3.83
CA LEU B 45 16.93 10.58 2.98
C LEU B 45 18.09 10.49 2.01
N ALA B 46 18.56 9.26 1.77
CA ALA B 46 19.55 9.02 0.73
C ALA B 46 19.09 9.67 -0.57
N PRO B 47 19.96 10.42 -1.26
CA PRO B 47 19.47 11.28 -2.35
C PRO B 47 19.18 10.55 -3.63
N VAL B 48 19.76 9.36 -3.78
CA VAL B 48 19.50 8.51 -4.94
C VAL B 48 19.25 7.10 -4.44
N VAL B 49 18.17 6.49 -4.95
CA VAL B 49 17.83 5.09 -4.74
C VAL B 49 17.21 4.56 -6.03
N ASN B 50 17.56 3.34 -6.41
CA ASN B 50 17.15 2.81 -7.72
C ASN B 50 15.82 2.10 -7.64
N VAL B 51 15.57 1.18 -8.57
CA VAL B 51 14.43 0.28 -8.54
C VAL B 51 14.96 -1.08 -8.12
N GLY B 52 14.42 -1.62 -7.02
CA GLY B 52 14.94 -2.82 -6.39
C GLY B 52 15.69 -2.55 -5.10
N GLN B 53 16.33 -1.40 -4.99
CA GLN B 53 16.97 -1.00 -3.74
C GLN B 53 15.90 -0.53 -2.76
N ASN B 54 16.27 -0.43 -1.48
CA ASN B 54 15.39 0.10 -0.46
C ASN B 54 15.76 1.54 -0.11
N LEU B 55 14.73 2.36 0.11
CA LEU B 55 14.88 3.66 0.76
C LEU B 55 14.41 3.53 2.20
N VAL B 56 15.31 3.73 3.16
CA VAL B 56 15.04 3.33 4.53
C VAL B 56 14.88 4.54 5.47
N VAL B 57 13.65 4.98 5.71
CA VAL B 57 13.37 6.09 6.63
C VAL B 57 13.34 5.52 8.05
N ASP B 58 14.43 5.61 8.79
CA ASP B 58 14.49 5.06 10.14
C ASP B 58 14.17 6.14 11.17
N LEU B 59 12.92 6.14 11.65
CA LEU B 59 12.46 7.11 12.62
C LEU B 59 12.90 6.82 14.05
N SER B 60 13.53 5.67 14.29
CA SER B 60 13.90 5.35 15.67
C SER B 60 15.04 6.21 16.19
N THR B 61 15.66 7.00 15.34
CA THR B 61 16.74 7.90 15.73
C THR B 61 16.25 9.33 15.88
N GLN B 62 14.98 9.59 15.58
CA GLN B 62 14.38 10.90 15.76
C GLN B 62 13.36 10.95 16.88
N ILE B 63 12.67 9.85 17.19
CA ILE B 63 11.55 9.88 18.11
C ILE B 63 11.89 9.07 19.36
N PHE B 64 11.74 9.70 20.52
CA PHE B 64 12.08 9.10 21.80
C PHE B 64 10.95 9.35 22.79
N CYS B 65 10.61 8.34 23.57
CA CYS B 65 9.53 8.50 24.53
CA CYS B 65 9.51 8.42 24.52
C CYS B 65 9.94 7.88 25.87
N HIS B 66 9.30 8.38 26.93
CA HIS B 66 9.67 7.97 28.28
C HIS B 66 8.41 7.82 29.13
N ASN B 67 8.50 6.92 30.10
CA ASN B 67 7.49 6.64 31.11
C ASN B 67 7.74 7.56 32.31
N ASP B 68 6.69 8.23 32.77
CA ASP B 68 6.85 9.30 33.75
C ASP B 68 6.65 8.87 35.18
N TYR B 69 6.28 7.60 35.42
CA TYR B 69 6.21 7.06 36.77
C TYR B 69 6.29 5.56 36.70
N PRO B 70 7.46 5.00 36.38
CA PRO B 70 7.55 3.54 36.18
C PRO B 70 7.40 2.74 37.47
N GLU B 71 7.45 3.39 38.63
CA GLU B 71 7.33 2.71 39.90
C GLU B 71 6.02 1.93 40.02
N THR B 72 4.94 2.44 39.47
CA THR B 72 3.67 1.73 39.51
C THR B 72 3.00 1.56 38.15
N ILE B 73 3.40 2.30 37.12
CA ILE B 73 2.74 2.25 35.82
C ILE B 73 3.67 1.62 34.79
N THR B 74 3.10 0.80 33.90
CA THR B 74 3.74 0.40 32.67
C THR B 74 3.07 1.15 31.52
N ASP B 75 3.85 1.55 30.51
CA ASP B 75 3.30 2.23 29.36
C ASP B 75 3.34 1.32 28.15
N TYR B 76 2.28 1.38 27.33
CA TYR B 76 2.16 0.56 26.15
C TYR B 76 2.08 1.47 24.94
N VAL B 77 2.90 1.19 23.92
CA VAL B 77 2.99 2.04 22.75
C VAL B 77 2.76 1.21 21.49
N THR B 78 1.84 1.65 20.64
CA THR B 78 1.63 1.03 19.34
C THR B 78 1.77 2.06 18.25
N LEU B 79 2.18 1.59 17.09
CA LEU B 79 1.89 2.30 15.84
C LEU B 79 0.44 1.98 15.51
N GLN B 80 -0.46 2.91 15.85
CA GLN B 80 -1.85 2.65 15.58
C GLN B 80 -2.13 2.63 14.08
N ARG B 81 -1.48 3.52 13.34
CA ARG B 81 -1.85 3.80 11.97
C ARG B 81 -0.78 4.69 11.35
N GLY B 82 -0.44 4.40 10.11
CA GLY B 82 0.51 5.19 9.34
C GLY B 82 0.12 5.27 7.88
N SER B 83 0.33 6.43 7.26
CA SER B 83 -0.06 6.64 5.87
C SER B 83 1.01 7.44 5.13
N ALA B 84 1.09 7.23 3.83
CA ALA B 84 2.06 7.92 2.99
C ALA B 84 1.40 9.09 2.26
N TYR B 85 2.24 10.03 1.83
CA TYR B 85 1.77 11.25 1.17
C TYR B 85 2.80 11.65 0.13
N GLY B 86 2.39 12.61 -0.70
CA GLY B 86 3.27 13.16 -1.71
C GLY B 86 3.89 12.09 -2.57
N GLY B 87 5.20 12.22 -2.79
CA GLY B 87 5.86 11.28 -3.67
C GLY B 87 6.15 9.94 -3.05
N VAL B 88 5.98 9.82 -1.75
CA VAL B 88 6.03 8.48 -1.19
C VAL B 88 4.75 7.74 -1.52
N LEU B 89 3.62 8.44 -1.44
CA LEU B 89 2.35 7.81 -1.78
C LEU B 89 2.37 7.28 -3.20
N SER B 90 2.73 8.14 -4.16
CA SER B 90 2.50 7.88 -5.58
C SER B 90 3.61 7.08 -6.25
N ASN B 91 4.85 7.18 -5.78
CA ASN B 91 5.96 6.55 -6.49
C ASN B 91 6.56 5.37 -5.74
N PHE B 92 6.04 5.01 -4.58
CA PHE B 92 6.69 4.03 -3.71
C PHE B 92 5.70 2.98 -3.22
N SER B 93 6.22 1.78 -2.95
CA SER B 93 5.53 0.78 -2.16
C SER B 93 6.54 0.20 -1.17
N GLY B 94 6.05 -0.37 -0.08
CA GLY B 94 6.97 -0.94 0.89
C GLY B 94 6.27 -1.37 2.16
N THR B 95 7.06 -1.47 3.24
CA THR B 95 6.62 -2.01 4.52
C THR B 95 7.16 -1.14 5.66
N VAL B 96 6.57 -1.31 6.84
CA VAL B 96 7.08 -0.66 8.05
C VAL B 96 7.46 -1.74 9.04
N LYS B 97 8.70 -1.68 9.52
CA LYS B 97 9.18 -2.57 10.57
C LYS B 97 8.91 -1.90 11.91
N TYR B 98 8.24 -2.62 12.80
CA TYR B 98 7.97 -2.10 14.13
C TYR B 98 8.41 -3.15 15.14
N SER B 99 9.45 -2.84 15.90
CA SER B 99 9.97 -3.72 16.93
C SER B 99 10.29 -5.10 16.36
N GLY B 100 11.01 -5.10 15.23
CA GLY B 100 11.52 -6.32 14.66
C GLY B 100 10.61 -7.04 13.70
N SER B 101 9.35 -6.63 13.61
CA SER B 101 8.38 -7.27 12.74
C SER B 101 7.96 -6.31 11.64
N SER B 102 7.70 -6.88 10.47
CA SER B 102 7.38 -6.12 9.27
C SER B 102 5.87 -6.10 9.03
N TYR B 103 5.38 -4.97 8.58
CA TYR B 103 3.97 -4.80 8.31
C TYR B 103 3.82 -3.96 7.06
N PRO B 104 2.70 -4.09 6.35
CA PRO B 104 2.49 -3.30 5.14
C PRO B 104 2.50 -1.81 5.45
N PHE B 105 3.21 -1.05 4.61
CA PHE B 105 3.06 0.40 4.65
C PHE B 105 2.57 0.92 3.28
N PRO B 106 1.54 1.78 3.26
CA PRO B 106 0.69 2.33 4.34
C PRO B 106 0.08 1.24 5.22
N THR B 107 -0.22 1.54 6.48
CA THR B 107 -0.52 0.42 7.37
C THR B 107 -1.99 0.03 7.24
N THR B 108 -2.30 -1.15 7.75
CA THR B 108 -3.62 -1.77 7.64
C THR B 108 -4.24 -2.13 8.98
N SER B 109 -3.45 -2.21 10.05
CA SER B 109 -3.99 -2.43 11.39
C SER B 109 -3.02 -1.83 12.41
N GLU B 110 -3.33 -2.03 13.68
CA GLU B 110 -2.51 -1.56 14.77
C GLU B 110 -1.46 -2.61 15.11
N THR B 111 -0.23 -2.17 15.35
CA THR B 111 0.86 -3.08 15.70
C THR B 111 0.66 -3.62 17.11
N PRO B 112 1.41 -4.66 17.48
CA PRO B 112 1.51 -5.04 18.91
C PRO B 112 2.17 -3.92 19.71
N ARG B 113 2.10 -4.01 21.04
CA ARG B 113 2.67 -2.93 21.85
C ARG B 113 4.16 -3.10 22.10
N VAL B 114 4.81 -1.97 22.30
CA VAL B 114 6.10 -1.86 22.94
C VAL B 114 5.86 -1.41 24.38
N VAL B 115 6.59 -2.01 25.30
CA VAL B 115 6.49 -1.67 26.72
C VAL B 115 7.47 -0.54 27.01
N TYR B 116 7.01 0.47 27.75
CA TYR B 116 7.84 1.56 28.25
C TYR B 116 7.76 1.56 29.77
N ASN B 117 8.90 1.39 30.45
CA ASN B 117 8.88 1.26 31.90
C ASN B 117 10.10 1.92 32.51
N SER B 118 10.53 3.04 31.95
CA SER B 118 11.73 3.74 32.40
C SER B 118 11.55 5.22 32.13
N ARG B 119 12.17 6.05 32.96
CA ARG B 119 12.22 7.48 32.66
C ARG B 119 13.33 7.83 31.66
N THR B 120 14.04 6.84 31.15
CA THR B 120 15.11 7.03 30.18
C THR B 120 14.55 7.15 28.77
N ASP B 121 14.99 8.19 28.04
CA ASP B 121 14.59 8.40 26.65
C ASP B 121 14.85 7.15 25.82
N LYS B 122 13.79 6.47 25.39
CA LYS B 122 13.90 5.21 24.68
C LYS B 122 13.42 5.38 23.25
N PRO B 123 14.14 4.86 22.26
CA PRO B 123 13.73 5.06 20.86
C PRO B 123 12.41 4.36 20.56
N TRP B 124 11.64 4.98 19.68
CA TRP B 124 10.39 4.40 19.20
C TRP B 124 10.71 3.53 17.99
N PRO B 125 10.66 2.21 18.10
CA PRO B 125 11.25 1.37 17.05
C PRO B 125 10.47 1.30 15.75
N VAL B 126 10.28 2.45 15.11
CA VAL B 126 9.61 2.52 13.81
C VAL B 126 10.68 2.71 12.74
N ALA B 127 10.40 2.19 11.54
CA ALA B 127 11.28 2.34 10.39
C ALA B 127 10.57 1.99 9.09
N LEU B 128 10.56 2.91 8.13
CA LEU B 128 9.99 2.63 6.81
C LEU B 128 11.03 1.98 5.88
N TYR B 129 10.58 1.02 5.09
CA TYR B 129 11.39 0.36 4.05
C TYR B 129 10.68 0.47 2.71
N LEU B 130 10.92 1.56 1.99
CA LEU B 130 10.25 1.87 0.73
C LEU B 130 11.09 1.45 -0.47
N THR B 131 10.40 1.19 -1.58
CA THR B 131 11.05 0.77 -2.79
C THR B 131 10.26 1.36 -3.94
N PRO B 132 10.95 1.90 -4.95
CA PRO B 132 10.24 2.60 -6.01
C PRO B 132 9.59 1.66 -7.00
N VAL B 133 8.38 2.02 -7.36
CA VAL B 133 7.72 1.58 -8.58
C VAL B 133 8.69 1.63 -9.76
N SER B 134 8.60 0.60 -10.63
CA SER B 134 9.48 0.51 -11.78
C SER B 134 9.27 1.68 -12.74
N SER B 135 8.06 2.24 -12.80
CA SER B 135 7.73 3.37 -13.68
C SER B 135 7.88 4.71 -12.98
N ALA B 136 8.92 4.89 -12.16
CA ALA B 136 9.09 6.10 -11.36
C ALA B 136 10.45 6.71 -11.62
N GLY B 137 10.48 8.05 -11.72
CA GLY B 137 11.71 8.81 -11.90
C GLY B 137 11.54 10.32 -11.79
N GLY B 138 12.56 11.04 -11.33
CA GLY B 138 12.50 12.50 -11.28
C GLY B 138 12.08 13.03 -9.90
N VAL B 139 10.94 13.71 -9.86
CA VAL B 139 10.42 14.31 -8.63
C VAL B 139 9.81 13.23 -7.74
N ALA B 140 10.62 12.22 -7.38
CA ALA B 140 10.20 11.18 -6.44
C ALA B 140 9.70 11.80 -5.15
N ILE B 141 10.64 12.25 -4.31
CA ILE B 141 10.32 12.95 -3.07
C ILE B 141 10.84 14.37 -3.19
N LYS B 142 9.93 15.34 -3.26
CA LYS B 142 10.30 16.74 -3.44
C LYS B 142 10.72 17.35 -2.11
N ALA B 143 11.08 18.64 -2.15
CA ALA B 143 11.77 19.30 -1.05
C ALA B 143 10.80 19.68 0.06
N GLY B 144 11.05 19.17 1.27
CA GLY B 144 10.22 19.55 2.42
C GLY B 144 8.74 19.26 2.26
N SER B 145 8.41 18.18 1.57
CA SER B 145 7.04 17.72 1.44
C SER B 145 6.71 16.69 2.52
N LEU B 146 5.47 16.71 2.99
CA LEU B 146 4.98 15.61 3.82
C LEU B 146 5.19 14.29 3.08
N ILE B 147 5.84 13.34 3.74
CA ILE B 147 5.97 12.00 3.21
C ILE B 147 5.13 10.98 3.97
N ALA B 148 4.94 11.15 5.27
CA ALA B 148 4.21 10.17 6.06
C ALA B 148 3.63 10.84 7.30
N VAL B 149 2.52 10.29 7.78
CA VAL B 149 1.98 10.62 9.09
C VAL B 149 1.88 9.33 9.86
N LEU B 150 2.50 9.26 11.03
CA LEU B 150 2.47 8.06 11.87
C LEU B 150 1.84 8.39 13.21
N ILE B 151 0.85 7.61 13.62
CA ILE B 151 0.15 7.86 14.86
C ILE B 151 0.63 6.86 15.90
N LEU B 152 1.37 7.38 16.87
CA LEU B 152 1.77 6.62 18.06
C LEU B 152 0.64 6.63 19.06
N ARG B 153 0.35 5.45 19.59
CA ARG B 153 -0.79 5.24 20.49
C ARG B 153 -0.29 4.68 21.82
N GLN B 154 -0.55 5.41 22.90
CA GLN B 154 -0.01 5.09 24.22
C GLN B 154 -1.15 4.73 25.17
N THR B 155 -1.11 3.53 25.73
CA THR B 155 -1.98 3.16 26.84
C THR B 155 -1.10 2.75 28.03
N ASN B 156 -1.74 2.19 29.05
CA ASN B 156 -1.02 1.73 30.24
C ASN B 156 -1.85 0.71 30.99
N ASN B 157 -1.32 0.27 32.13
CA ASN B 157 -1.93 -0.72 33.00
C ASN B 157 -2.54 -0.10 34.26
N TYR B 158 -2.82 1.20 34.24
CA TYR B 158 -3.18 1.91 35.46
C TYR B 158 -4.54 2.57 35.37
N ASN B 159 -4.80 3.38 34.34
CA ASN B 159 -6.13 3.95 34.18
C ASN B 159 -6.63 3.86 32.75
N SER B 160 -7.46 4.82 32.34
CA SER B 160 -8.14 4.73 31.05
C SER B 160 -7.33 5.32 29.91
N ASP B 161 -6.31 6.13 30.20
CA ASP B 161 -5.67 7.00 29.22
C ASP B 161 -5.40 6.30 27.90
N ASP B 162 -5.87 6.94 26.82
CA ASP B 162 -5.72 6.44 25.46
C ASP B 162 -5.38 7.67 24.60
N PHE B 163 -4.11 7.78 24.22
CA PHE B 163 -3.58 9.03 23.68
C PHE B 163 -2.89 8.81 22.33
N GLN B 164 -3.13 9.72 21.40
CA GLN B 164 -2.44 9.68 20.12
C GLN B 164 -1.35 10.73 20.08
N PHE B 165 -0.15 10.29 19.72
CA PHE B 165 0.96 11.17 19.39
C PHE B 165 1.12 11.14 17.87
N VAL B 166 0.90 12.28 17.22
CA VAL B 166 0.80 12.34 15.75
C VAL B 166 2.08 12.94 15.17
N TRP B 167 2.88 12.12 14.50
CA TRP B 167 4.15 12.54 13.93
C TRP B 167 4.02 12.76 12.43
N ASN B 168 4.24 13.99 11.98
CA ASN B 168 4.37 14.30 10.56
C ASN B 168 5.82 14.19 10.12
N ILE B 169 6.05 13.45 9.05
CA ILE B 169 7.39 13.15 8.57
C ILE B 169 7.65 13.97 7.31
N TYR B 170 8.69 14.80 7.35
CA TYR B 170 9.06 15.68 6.26
C TYR B 170 10.48 15.36 5.82
N ALA B 171 10.76 15.56 4.54
CA ALA B 171 12.07 15.25 3.96
C ALA B 171 12.93 16.50 3.90
N ASN B 172 14.18 16.37 4.33
CA ASN B 172 15.12 17.49 4.24
C ASN B 172 15.67 17.65 2.83
N ASN B 173 16.18 16.56 2.24
CA ASN B 173 16.75 16.56 0.90
C ASN B 173 15.79 15.94 -0.09
N ASP B 174 16.03 16.22 -1.37
CA ASP B 174 15.28 15.55 -2.43
C ASP B 174 15.80 14.14 -2.64
N VAL B 175 14.94 13.28 -3.15
CA VAL B 175 15.30 11.90 -3.44
C VAL B 175 15.10 11.63 -4.92
N VAL B 176 16.05 10.92 -5.50
CA VAL B 176 16.13 10.70 -6.93
C VAL B 176 16.26 9.21 -7.22
N VAL B 177 15.34 8.68 -8.04
CA VAL B 177 15.44 7.36 -8.63
C VAL B 177 15.86 7.52 -10.09
N PRO B 178 17.05 7.08 -10.47
CA PRO B 178 17.59 7.48 -11.78
C PRO B 178 17.09 6.62 -12.92
N THR B 179 16.82 7.28 -14.05
CA THR B 179 16.38 6.64 -15.30
C THR B 179 17.50 5.81 -15.95
#